data_5KHO
#
_entry.id   5KHO
#
_cell.length_a   101.540
_cell.length_b   154.760
_cell.length_c   38.800
_cell.angle_alpha   90.000
_cell.angle_beta   90.000
_cell.angle_gamma   90.000
#
_symmetry.space_group_name_H-M   'P 21 21 2'
#
loop_
_entity.id
_entity.type
_entity.pdbx_description
1 polymer 'Ras-interacting protein 1'
2 polymer 'Ras-related protein Rap-1b'
3 non-polymer GLYCEROL
4 non-polymer 'MAGNESIUM ION'
5 non-polymer 'PHOSPHOAMINOPHOSPHONIC ACID-GUANYLATE ESTER'
6 water water
#
loop_
_entity_poly.entity_id
_entity_poly.type
_entity_poly.pdbx_seq_one_letter_code
_entity_poly.pdbx_strand_id
1 'polypeptide(L)'
;GAMGEPPLATRATAPPGVLKIFGAGLASGANYKSVLATARSTARELVAEALERYGLAGSPGGGPGESSCVDAFALCDALG
RPAAAGVGSGEWRAEHLRVLGDSERPLLVQELWRARPGWARRFELRGREEARRLEQEAFGAADSEGTGAPSWRPQK
;
A,B
2 'polypeptide(L)'
;MREYKLVVLGSGGVGKSALTVQFVQGIFVEKYDPTIEDSYRKQVEVDAQQCMLEILDTAGTEQFTAMRDLYMKNGQGFAL
VYSITAQSTFNDLQDLREQILRVKDTDDVPMILVGNKCDLEDERVVGKEQGQNLARQWNNCAFLESSAKSKINVNEIFYD
LVRQINR
;
C,D
#
loop_
_chem_comp.id
_chem_comp.type
_chem_comp.name
_chem_comp.formula
GNP non-polymer 'PHOSPHOAMINOPHOSPHONIC ACID-GUANYLATE ESTER' 'C10 H17 N6 O13 P3'
GOL non-polymer GLYCEROL 'C3 H8 O3'
MG non-polymer 'MAGNESIUM ION' 'Mg 2'
#
# COMPACT_ATOMS: atom_id res chain seq x y z
N ALA A 14 0.26 14.28 10.46
CA ALA A 14 -1.08 13.80 10.95
C ALA A 14 -2.32 14.54 10.32
N PRO A 15 -2.24 14.96 9.02
CA PRO A 15 -3.20 15.96 8.49
C PRO A 15 -4.64 15.44 8.24
N PRO A 16 -5.68 16.26 8.55
CA PRO A 16 -7.06 15.78 8.39
C PRO A 16 -7.57 15.92 6.95
N GLY A 17 -7.49 14.81 6.23
CA GLY A 17 -7.96 14.71 4.86
C GLY A 17 -9.40 14.23 4.81
N VAL A 18 -9.95 14.21 3.60
CA VAL A 18 -11.32 13.76 3.33
C VAL A 18 -11.29 12.37 2.67
N LEU A 19 -12.09 11.46 3.17
CA LEU A 19 -12.20 10.12 2.57
C LEU A 19 -13.50 9.93 1.81
N LYS A 20 -13.36 9.59 0.52
CA LYS A 20 -14.51 9.28 -0.34
C LYS A 20 -14.95 7.84 -0.06
N ILE A 21 -16.10 7.69 0.56
CA ILE A 21 -16.63 6.36 0.88
C ILE A 21 -17.66 5.95 -0.15
N PHE A 22 -17.35 4.92 -0.92
CA PHE A 22 -18.24 4.47 -2.01
C PHE A 22 -19.32 3.51 -1.55
N GLY A 23 -20.50 3.71 -2.08
CA GLY A 23 -21.66 2.88 -1.76
C GLY A 23 -21.90 1.88 -2.86
N ALA A 24 -21.20 0.75 -2.78
CA ALA A 24 -21.35 -0.37 -3.71
C ALA A 24 -22.77 -0.98 -3.58
N GLY A 25 -23.73 -0.30 -4.22
CA GLY A 25 -25.16 -0.61 -4.15
C GLY A 25 -25.74 -0.43 -2.75
N LEU A 26 -25.96 0.82 -2.35
CA LEU A 26 -26.47 1.13 -1.00
C LEU A 26 -27.52 2.23 -0.90
N ALA A 27 -27.46 3.22 -1.81
CA ALA A 27 -28.45 4.31 -1.86
C ALA A 27 -28.70 4.82 -3.28
N SER A 28 -29.26 3.95 -4.11
CA SER A 28 -29.70 4.26 -5.48
C SER A 28 -28.58 4.89 -6.33
N GLY A 29 -28.82 6.10 -6.85
CA GLY A 29 -27.85 6.78 -7.71
C GLY A 29 -26.68 7.46 -7.01
N ALA A 30 -26.45 7.12 -5.74
CA ALA A 30 -25.26 7.59 -5.00
C ALA A 30 -23.99 7.02 -5.62
N ASN A 31 -22.90 7.74 -5.48
CA ASN A 31 -21.60 7.33 -6.00
C ASN A 31 -20.62 7.23 -4.83
N TYR A 32 -20.33 8.37 -4.19
CA TYR A 32 -19.67 8.39 -2.89
C TYR A 32 -20.20 9.50 -1.98
N LYS A 33 -20.22 9.24 -0.67
CA LYS A 33 -20.37 10.29 0.32
C LYS A 33 -19.00 10.45 1.01
N SER A 34 -18.56 11.70 1.16
CA SER A 34 -17.28 12.01 1.82
C SER A 34 -17.45 12.24 3.30
N VAL A 35 -16.35 11.97 4.01
CA VAL A 35 -16.32 11.90 5.46
C VAL A 35 -14.95 12.45 5.87
N LEU A 36 -14.93 13.37 6.83
CA LEU A 36 -13.65 13.90 7.33
C LEU A 36 -13.03 12.88 8.27
N ALA A 37 -11.71 12.74 8.17
CA ALA A 37 -10.98 11.75 8.97
C ALA A 37 -9.70 12.35 9.53
N THR A 38 -9.53 12.24 10.84
CA THR A 38 -8.29 12.63 11.49
C THR A 38 -7.33 11.45 11.51
N ALA A 39 -6.06 11.69 11.81
CA ALA A 39 -5.05 10.62 11.97
C ALA A 39 -5.35 9.66 13.14
N ARG A 40 -6.28 10.05 14.01
CA ARG A 40 -6.70 9.24 15.15
C ARG A 40 -8.05 8.54 14.92
N SER A 41 -8.70 8.83 13.79
CA SER A 41 -10.00 8.25 13.45
C SER A 41 -9.91 6.75 13.19
N THR A 42 -10.99 6.03 13.44
CA THR A 42 -11.02 4.58 13.24
C THR A 42 -11.95 4.20 12.12
N ALA A 43 -11.74 2.98 11.61
CA ALA A 43 -12.66 2.35 10.67
C ALA A 43 -14.08 2.40 11.22
N ARG A 44 -14.26 1.90 12.44
CA ARG A 44 -15.59 1.75 13.04
C ARG A 44 -16.29 3.09 13.27
N GLU A 45 -15.53 4.12 13.67
CA GLU A 45 -16.07 5.48 13.79
C GLU A 45 -16.57 5.99 12.44
N LEU A 46 -15.82 5.70 11.37
CA LEU A 46 -16.20 6.11 10.01
C LEU A 46 -17.30 5.23 9.37
N VAL A 47 -17.36 3.94 9.71
CA VAL A 47 -18.47 3.09 9.28
C VAL A 47 -19.77 3.64 9.89
N ALA A 48 -19.67 4.11 11.13
CA ALA A 48 -20.78 4.78 11.80
C ALA A 48 -21.16 6.09 11.09
N GLU A 49 -20.19 6.98 10.88
CA GLU A 49 -20.40 8.26 10.18
C GLU A 49 -20.92 8.12 8.74
N ALA A 50 -20.48 7.08 8.04
CA ALA A 50 -20.92 6.83 6.67
C ALA A 50 -22.32 6.23 6.59
N LEU A 51 -22.65 5.34 7.53
CA LEU A 51 -23.96 4.68 7.55
C LEU A 51 -25.12 5.63 7.78
N GLU A 52 -24.91 6.61 8.67
CA GLU A 52 -25.92 7.65 8.89
C GLU A 52 -25.89 8.73 7.78
N ARG A 53 -24.93 8.58 6.87
CA ARG A 53 -24.75 9.48 5.74
C ARG A 53 -25.43 8.96 4.48
N TYR A 54 -25.34 7.65 4.27
CA TYR A 54 -26.17 6.94 3.29
C TYR A 54 -27.58 6.68 3.84
N GLY A 55 -27.75 6.95 5.13
CA GLY A 55 -29.04 6.83 5.83
C GLY A 55 -29.42 5.40 6.10
N LEU A 56 -28.63 4.74 6.96
CA LEU A 56 -28.82 3.32 7.33
C LEU A 56 -28.49 3.01 8.81
N SER A 68 -26.10 -2.37 17.21
CA SER A 68 -26.38 -1.39 16.16
C SER A 68 -26.33 -2.05 14.77
N CYS A 69 -26.67 -1.28 13.73
CA CYS A 69 -26.46 -1.69 12.34
C CYS A 69 -24.97 -1.69 11.98
N VAL A 70 -24.23 -0.76 12.61
CA VAL A 70 -22.77 -0.54 12.47
C VAL A 70 -21.95 -1.84 12.47
N ASP A 71 -22.34 -2.74 13.36
CA ASP A 71 -21.65 -4.00 13.57
C ASP A 71 -21.69 -4.91 12.33
N ALA A 72 -22.75 -4.79 11.53
CA ALA A 72 -22.97 -5.65 10.35
C ALA A 72 -22.44 -5.08 9.03
N PHE A 73 -21.76 -3.93 9.12
CA PHE A 73 -21.13 -3.28 7.96
C PHE A 73 -19.63 -3.15 8.13
N ALA A 74 -18.93 -3.04 6.99
CA ALA A 74 -17.47 -2.99 6.97
C ALA A 74 -16.89 -1.98 5.98
N LEU A 75 -15.94 -1.18 6.47
CA LEU A 75 -15.10 -0.30 5.64
C LEU A 75 -14.05 -1.13 4.91
N CYS A 76 -13.96 -0.94 3.58
CA CYS A 76 -13.15 -1.80 2.72
C CYS A 76 -12.16 -1.07 1.81
N ASP A 77 -10.93 -1.57 1.76
CA ASP A 77 -9.92 -1.05 0.85
C ASP A 77 -9.95 -1.82 -0.48
N ALA A 78 -10.66 -1.27 -1.46
CA ALA A 78 -10.87 -1.94 -2.77
C ALA A 78 -9.86 -1.56 -3.84
N LEU A 79 -9.47 -2.55 -4.63
CA LEU A 79 -8.54 -2.38 -5.75
C LEU A 79 -9.10 -3.00 -7.04
N GLY A 80 -8.92 -2.28 -8.15
CA GLY A 80 -9.26 -2.74 -9.49
C GLY A 80 -8.49 -1.92 -10.50
N ARG A 81 -8.98 -1.86 -11.74
CA ARG A 81 -8.39 -1.02 -12.80
C ARG A 81 -9.37 -0.81 -13.96
N PRO A 82 -9.19 0.31 -14.70
CA PRO A 82 -9.95 0.79 -15.85
C PRO A 82 -11.49 0.68 -15.65
N TRP A 92 -16.72 0.42 -10.71
CA TRP A 92 -16.50 -0.75 -11.55
C TRP A 92 -16.65 -2.09 -10.81
N ARG A 93 -15.70 -3.00 -11.06
CA ARG A 93 -15.62 -4.29 -10.38
C ARG A 93 -14.29 -4.41 -9.64
N ALA A 94 -14.37 -4.53 -8.31
CA ALA A 94 -13.17 -4.66 -7.47
C ALA A 94 -12.53 -6.03 -7.67
N GLU A 95 -11.31 -6.01 -8.19
CA GLU A 95 -10.54 -7.24 -8.42
C GLU A 95 -10.10 -7.90 -7.10
N HIS A 96 -9.81 -7.10 -6.09
CA HIS A 96 -9.53 -7.58 -4.73
C HIS A 96 -9.91 -6.49 -3.73
N LEU A 97 -10.38 -6.91 -2.56
CA LEU A 97 -10.57 -5.99 -1.43
C LEU A 97 -10.08 -6.55 -0.10
N ARG A 98 -9.74 -5.64 0.79
CA ARG A 98 -9.44 -5.96 2.17
C ARG A 98 -10.40 -5.22 3.11
N VAL A 99 -11.06 -5.98 3.97
CA VAL A 99 -11.91 -5.44 5.04
C VAL A 99 -10.97 -4.87 6.10
N LEU A 100 -11.21 -3.61 6.47
CA LEU A 100 -10.43 -2.96 7.53
C LEU A 100 -10.89 -3.39 8.92
N GLY A 101 -9.91 -3.64 9.78
CA GLY A 101 -10.15 -3.89 11.20
C GLY A 101 -10.74 -2.68 11.89
N ASP A 102 -11.53 -2.92 12.92
CA ASP A 102 -12.20 -1.85 13.67
C ASP A 102 -11.22 -0.81 14.22
N SER A 103 -10.06 -1.28 14.68
CA SER A 103 -9.08 -0.41 15.31
C SER A 103 -8.28 0.44 14.32
N GLU A 104 -8.23 -0.02 13.06
CA GLU A 104 -7.40 0.59 12.02
C GLU A 104 -7.78 2.03 11.71
N ARG A 105 -6.75 2.83 11.41
CA ARG A 105 -6.91 4.24 11.12
C ARG A 105 -6.87 4.38 9.60
N PRO A 106 -8.04 4.65 8.96
CA PRO A 106 -8.13 4.58 7.50
C PRO A 106 -7.43 5.70 6.74
N LEU A 107 -7.23 6.85 7.41
CA LEU A 107 -6.48 7.98 6.84
C LEU A 107 -5.06 7.55 6.52
N LEU A 108 -4.43 6.84 7.47
CA LEU A 108 -3.09 6.28 7.26
C LEU A 108 -3.05 5.17 6.21
N VAL A 109 -4.07 4.29 6.20
CA VAL A 109 -4.22 3.25 5.17
C VAL A 109 -4.21 3.92 3.79
N GLN A 110 -5.00 4.98 3.64
CA GLN A 110 -5.03 5.77 2.40
C GLN A 110 -3.69 6.45 2.09
N GLU A 111 -3.18 7.22 3.04
CA GLU A 111 -2.06 8.10 2.74
C GLU A 111 -0.69 7.39 2.70
N LEU A 112 -0.57 6.25 3.38
CA LEU A 112 0.73 5.56 3.52
C LEU A 112 0.97 4.40 2.56
N TRP A 113 -0.10 3.94 1.92
CA TRP A 113 -0.02 2.91 0.91
C TRP A 113 -0.64 3.41 -0.37
N ARG A 114 -0.24 2.80 -1.48
CA ARG A 114 -0.88 3.02 -2.77
C ARG A 114 -1.17 1.67 -3.43
N ALA A 115 -2.02 1.68 -4.43
CA ALA A 115 -2.26 0.51 -5.27
C ALA A 115 -1.04 0.22 -6.15
N ARG A 116 -0.99 -0.99 -6.71
CA ARG A 116 -0.13 -1.31 -7.86
C ARG A 116 -0.24 -0.20 -8.91
N PRO A 117 0.88 0.17 -9.55
CA PRO A 117 0.78 1.14 -10.65
C PRO A 117 0.00 0.50 -11.78
N GLY A 118 -0.96 1.26 -12.30
CA GLY A 118 -1.97 0.75 -13.24
C GLY A 118 -3.32 0.58 -12.57
N TRP A 119 -3.30 0.16 -11.31
CA TRP A 119 -4.51 -0.18 -10.53
C TRP A 119 -5.11 1.03 -9.82
N ALA A 120 -6.44 1.05 -9.76
CA ALA A 120 -7.21 2.06 -9.03
C ALA A 120 -7.54 1.56 -7.62
N ARG A 121 -7.92 2.49 -6.74
CA ARG A 121 -8.16 2.19 -5.33
C ARG A 121 -9.26 3.09 -4.76
N ARG A 122 -10.15 2.50 -3.96
CA ARG A 122 -11.21 3.26 -3.28
C ARG A 122 -11.62 2.61 -1.96
N PHE A 123 -12.18 3.41 -1.06
CA PHE A 123 -12.84 2.87 0.14
C PHE A 123 -14.29 2.54 -0.19
N GLU A 124 -14.79 1.44 0.36
CA GLU A 124 -16.13 0.93 0.03
C GLU A 124 -16.84 0.51 1.28
N LEU A 125 -18.10 0.95 1.40
CA LEU A 125 -18.97 0.49 2.47
C LEU A 125 -19.75 -0.69 1.92
N ARG A 126 -19.54 -1.86 2.55
CA ARG A 126 -20.22 -3.09 2.16
C ARG A 126 -20.70 -3.80 3.42
N GLY A 127 -21.78 -4.57 3.28
CA GLY A 127 -22.28 -5.42 4.37
C GLY A 127 -21.22 -6.44 4.72
N ARG A 128 -21.07 -6.71 6.01
CA ARG A 128 -19.98 -7.58 6.51
C ARG A 128 -19.95 -8.95 5.83
N GLU A 129 -21.11 -9.60 5.78
CA GLU A 129 -21.27 -10.89 5.11
C GLU A 129 -20.61 -10.91 3.73
N GLU A 130 -21.07 -10.03 2.84
CA GLU A 130 -20.59 -9.93 1.45
C GLU A 130 -19.12 -9.51 1.31
N ALA A 131 -18.64 -8.73 2.27
CA ALA A 131 -17.27 -8.22 2.30
C ALA A 131 -16.24 -9.31 2.61
N ARG A 132 -16.50 -10.08 3.68
CA ARG A 132 -15.69 -11.25 4.07
C ARG A 132 -15.69 -12.33 2.97
N ARG A 133 -16.89 -12.58 2.41
CA ARG A 133 -17.10 -13.49 1.26
C ARG A 133 -16.19 -13.19 0.07
N LEU A 134 -15.97 -11.90 -0.19
CA LEU A 134 -15.23 -11.44 -1.37
C LEU A 134 -13.73 -11.26 -1.14
N GLU A 135 -13.31 -11.31 0.13
CA GLU A 135 -11.88 -11.35 0.47
C GLU A 135 -11.22 -12.62 -0.04
N GLN A 136 -11.92 -13.75 0.07
CA GLN A 136 -11.47 -15.06 -0.42
C GLN A 136 -11.91 -15.32 -1.86
N ALA B 14 0.19 -13.87 -8.06
CA ALA B 14 0.08 -15.32 -8.41
C ALA B 14 1.31 -16.21 -8.08
N PRO B 15 2.53 -15.90 -8.66
CA PRO B 15 3.65 -16.89 -8.63
C PRO B 15 4.11 -17.30 -7.22
N PRO B 16 4.54 -18.58 -7.03
CA PRO B 16 4.92 -19.08 -5.70
C PRO B 16 6.20 -18.40 -5.17
N GLY B 17 6.10 -17.11 -4.91
CA GLY B 17 7.23 -16.25 -4.58
C GLY B 17 7.82 -16.45 -3.19
N VAL B 18 8.85 -15.66 -2.91
CA VAL B 18 9.50 -15.66 -1.59
C VAL B 18 9.31 -14.32 -0.89
N LEU B 19 9.13 -14.38 0.43
CA LEU B 19 8.97 -13.18 1.24
C LEU B 19 10.06 -13.13 2.30
N LYS B 20 10.86 -12.05 2.26
CA LYS B 20 11.79 -11.73 3.36
C LYS B 20 10.99 -11.32 4.61
N ILE B 21 11.11 -12.10 5.68
CA ILE B 21 10.49 -11.78 6.98
C ILE B 21 11.60 -11.23 7.86
N PHE B 22 11.55 -9.92 8.15
CA PHE B 22 12.64 -9.27 8.88
C PHE B 22 12.54 -9.51 10.38
N GLY B 23 13.64 -9.97 10.95
CA GLY B 23 13.73 -10.24 12.38
C GLY B 23 14.41 -9.09 13.08
N ALA B 24 13.70 -7.95 13.09
CA ALA B 24 14.12 -6.72 13.77
C ALA B 24 14.34 -7.03 15.26
N GLY B 25 15.57 -7.47 15.55
CA GLY B 25 15.98 -7.93 16.88
C GLY B 25 15.19 -9.10 17.47
N LEU B 26 15.62 -10.32 17.16
CA LEU B 26 15.16 -11.52 17.88
C LEU B 26 16.37 -12.38 18.21
N ALA B 27 17.19 -12.62 17.19
CA ALA B 27 18.47 -13.27 17.33
C ALA B 27 19.53 -12.30 16.80
N SER B 28 20.58 -12.07 17.59
CA SER B 28 21.64 -11.12 17.24
C SER B 28 22.34 -11.57 15.96
N GLY B 29 22.46 -10.65 15.01
CA GLY B 29 23.04 -10.92 13.70
C GLY B 29 22.05 -11.01 12.56
N ALA B 30 20.89 -11.63 12.82
CA ALA B 30 19.88 -11.94 11.80
C ALA B 30 19.13 -10.71 11.28
N ASN B 31 19.38 -10.39 10.02
CA ASN B 31 18.70 -9.30 9.32
C ASN B 31 17.32 -9.75 8.84
N TYR B 32 17.29 -10.77 8.00
CA TYR B 32 16.04 -11.42 7.64
C TYR B 32 16.24 -12.90 7.36
N LYS B 33 15.18 -13.67 7.57
CA LYS B 33 15.08 -15.04 7.09
C LYS B 33 13.80 -15.10 6.25
N SER B 34 13.84 -15.78 5.13
CA SER B 34 12.72 -15.72 4.19
C SER B 34 12.00 -17.05 3.97
N VAL B 35 10.69 -16.98 3.86
CA VAL B 35 9.83 -18.16 3.68
C VAL B 35 9.20 -18.19 2.27
N LEU B 36 8.81 -19.40 1.84
CA LEU B 36 8.02 -19.56 0.62
C LEU B 36 6.56 -19.27 0.92
N ALA B 37 5.92 -18.51 0.06
CA ALA B 37 4.50 -18.22 0.20
C ALA B 37 3.74 -18.36 -1.13
N THR B 38 2.58 -19.02 -1.05
CA THR B 38 1.70 -19.18 -2.20
C THR B 38 0.68 -18.04 -2.20
N ALA B 39 -0.28 -18.06 -3.13
CA ALA B 39 -1.39 -17.11 -3.09
C ALA B 39 -2.40 -17.44 -1.97
N ARG B 40 -2.33 -18.68 -1.49
CA ARG B 40 -3.24 -19.18 -0.44
C ARG B 40 -2.62 -19.21 0.96
N SER B 41 -1.31 -19.09 1.05
CA SER B 41 -0.60 -19.02 2.33
C SER B 41 -1.19 -17.91 3.20
N THR B 42 -1.54 -18.27 4.43
CA THR B 42 -2.10 -17.31 5.42
C THR B 42 -0.99 -16.72 6.29
N ALA B 43 -1.28 -15.58 6.91
CA ALA B 43 -0.35 -14.92 7.84
C ALA B 43 0.08 -15.83 9.00
N ARG B 44 -0.89 -16.55 9.60
CA ARG B 44 -0.62 -17.43 10.75
C ARG B 44 0.30 -18.60 10.37
N GLU B 45 0.07 -19.17 9.19
CA GLU B 45 0.96 -20.17 8.61
C GLU B 45 2.39 -19.65 8.49
N LEU B 46 2.55 -18.40 8.06
CA LEU B 46 3.88 -17.83 7.88
C LEU B 46 4.55 -17.41 9.19
N VAL B 47 3.76 -17.01 10.18
CA VAL B 47 4.27 -16.72 11.52
C VAL B 47 4.87 -18.00 12.12
N ALA B 48 4.14 -19.10 11.97
CA ALA B 48 4.59 -20.42 12.40
C ALA B 48 5.91 -20.88 11.76
N GLU B 49 6.05 -20.73 10.44
CA GLU B 49 7.29 -21.11 9.73
C GLU B 49 8.45 -20.15 10.02
N ALA B 50 8.12 -18.87 10.24
CA ALA B 50 9.12 -17.86 10.57
C ALA B 50 9.76 -18.10 11.94
N LEU B 51 8.93 -18.41 12.94
CA LEU B 51 9.41 -18.68 14.31
C LEU B 51 10.28 -19.94 14.38
N GLU B 52 9.86 -20.95 13.62
CA GLU B 52 10.62 -22.18 13.44
C GLU B 52 12.01 -21.86 12.90
N ARG B 53 12.06 -20.99 11.88
CA ARG B 53 13.29 -20.59 11.21
C ARG B 53 14.12 -19.60 12.04
N TYR B 54 13.48 -18.92 12.98
CA TYR B 54 14.21 -18.07 13.93
C TYR B 54 14.65 -18.84 15.18
N GLY B 55 14.05 -20.00 15.39
CA GLY B 55 14.34 -20.86 16.53
C GLY B 55 13.54 -20.50 17.77
N LEU B 56 12.22 -20.74 17.72
CA LEU B 56 11.31 -20.50 18.85
C LEU B 56 10.16 -21.51 18.91
N SER B 67 2.49 -25.15 22.90
CA SER B 67 2.69 -25.45 21.50
C SER B 67 2.40 -24.25 20.60
N SER B 68 1.48 -23.39 21.05
CA SER B 68 1.03 -22.24 20.26
C SER B 68 1.66 -20.91 20.72
N CYS B 69 2.99 -20.84 20.66
CA CYS B 69 3.78 -19.60 20.85
C CYS B 69 3.60 -18.63 19.66
N VAL B 70 2.82 -19.09 18.67
CA VAL B 70 2.47 -18.36 17.46
C VAL B 70 1.61 -17.15 17.79
N ASP B 71 0.61 -17.36 18.63
CA ASP B 71 -0.37 -16.33 18.99
C ASP B 71 0.21 -15.12 19.73
N ALA B 72 1.45 -15.26 20.19
CA ALA B 72 2.18 -14.17 20.84
C ALA B 72 2.96 -13.30 19.84
N PHE B 73 3.09 -13.80 18.61
CA PHE B 73 3.82 -13.11 17.54
C PHE B 73 2.94 -12.66 16.36
N ALA B 74 3.42 -11.63 15.67
CA ALA B 74 2.65 -10.92 14.64
C ALA B 74 3.44 -10.72 13.35
N LEU B 75 2.78 -10.92 12.21
CA LEU B 75 3.37 -10.55 10.94
C LEU B 75 2.95 -9.14 10.56
N CYS B 76 3.95 -8.30 10.31
CA CYS B 76 3.73 -6.88 10.16
C CYS B 76 4.14 -6.33 8.80
N ASP B 77 3.24 -5.54 8.19
CA ASP B 77 3.51 -4.76 7.01
C ASP B 77 4.07 -3.43 7.48
N ALA B 78 5.39 -3.31 7.44
CA ALA B 78 6.09 -2.11 7.95
C ALA B 78 6.47 -1.13 6.84
N LEU B 79 6.60 0.15 7.22
CA LEU B 79 6.91 1.24 6.31
C LEU B 79 7.79 2.32 6.96
N GLY B 80 8.56 3.03 6.14
CA GLY B 80 9.35 4.17 6.60
C GLY B 80 10.33 4.64 5.56
N ARG B 81 10.97 5.78 5.82
CA ARG B 81 12.06 6.28 5.00
C ARG B 81 13.33 5.42 5.13
N PRO B 82 14.16 5.35 4.07
CA PRO B 82 15.46 4.66 4.20
C PRO B 82 16.61 5.65 4.41
N TRP B 92 17.74 1.17 8.85
CA TRP B 92 16.55 2.01 9.06
C TRP B 92 15.62 1.41 10.14
N ARG B 93 14.73 2.26 10.69
CA ARG B 93 13.68 1.83 11.63
C ARG B 93 12.33 2.19 11.01
N ALA B 94 11.30 1.37 11.29
CA ALA B 94 9.96 1.57 10.70
C ALA B 94 9.13 2.71 11.32
N GLU B 95 8.64 3.62 10.47
CA GLU B 95 7.83 4.78 10.89
C GLU B 95 6.35 4.48 11.20
N HIS B 96 5.79 3.48 10.53
CA HIS B 96 4.44 2.98 10.79
C HIS B 96 4.42 1.51 10.43
N LEU B 97 3.57 0.74 11.11
CA LEU B 97 3.34 -0.66 10.73
C LEU B 97 1.88 -1.07 10.84
N ARG B 98 1.57 -2.24 10.30
CA ARG B 98 0.24 -2.80 10.37
C ARG B 98 0.34 -4.29 10.65
N VAL B 99 -0.42 -4.77 11.63
CA VAL B 99 -0.45 -6.19 11.96
C VAL B 99 -1.47 -6.86 11.07
N LEU B 100 -0.99 -7.75 10.21
CA LEU B 100 -1.88 -8.59 9.41
C LEU B 100 -2.73 -9.46 10.32
N GLY B 101 -4.02 -9.60 9.97
CA GLY B 101 -4.87 -10.64 10.58
C GLY B 101 -4.41 -12.01 10.14
N ASP B 102 -4.75 -13.04 10.91
CA ASP B 102 -4.32 -14.41 10.63
C ASP B 102 -4.82 -14.98 9.31
N SER B 103 -6.00 -14.52 8.87
CA SER B 103 -6.65 -14.97 7.63
C SER B 103 -6.00 -14.40 6.37
N GLU B 104 -5.32 -13.27 6.54
CA GLU B 104 -4.79 -12.49 5.43
C GLU B 104 -3.71 -13.25 4.67
N ARG B 105 -3.72 -13.11 3.34
CA ARG B 105 -2.77 -13.80 2.48
C ARG B 105 -1.58 -12.86 2.10
N PRO B 106 -0.42 -13.00 2.81
CA PRO B 106 0.71 -12.03 2.76
C PRO B 106 1.34 -11.78 1.40
N LEU B 107 1.35 -12.78 0.53
CA LEU B 107 1.87 -12.63 -0.83
C LEU B 107 1.05 -11.59 -1.59
N LEU B 108 -0.28 -11.64 -1.41
CA LEU B 108 -1.21 -10.67 -1.99
C LEU B 108 -1.05 -9.26 -1.40
N VAL B 109 -0.89 -9.17 -0.09
CA VAL B 109 -0.65 -7.90 0.61
C VAL B 109 0.58 -7.17 0.02
N GLN B 110 1.68 -7.88 -0.21
CA GLN B 110 2.82 -7.20 -0.84
C GLN B 110 2.67 -6.99 -2.35
N GLU B 111 1.97 -7.90 -3.02
CA GLU B 111 1.84 -7.85 -4.48
C GLU B 111 0.85 -6.77 -4.96
N LEU B 112 -0.20 -6.51 -4.17
CA LEU B 112 -1.29 -5.61 -4.61
C LEU B 112 -1.22 -4.16 -4.11
N TRP B 113 -0.40 -3.92 -3.09
CA TRP B 113 -0.20 -2.59 -2.53
C TRP B 113 1.27 -2.21 -2.64
N ARG B 114 1.56 -0.95 -2.34
CA ARG B 114 2.91 -0.41 -2.36
C ARG B 114 2.98 0.72 -1.39
N ALA B 115 4.17 1.00 -0.89
CA ALA B 115 4.39 2.20 -0.07
C ALA B 115 4.19 3.45 -0.94
N ARG B 116 3.88 4.59 -0.32
CA ARG B 116 3.94 5.89 -0.99
C ARG B 116 5.39 6.20 -1.43
N PRO B 117 5.57 7.11 -2.43
CA PRO B 117 6.92 7.46 -2.93
C PRO B 117 7.94 7.87 -1.87
N GLY B 118 9.19 7.43 -2.06
CA GLY B 118 10.31 7.71 -1.15
C GLY B 118 10.35 6.86 0.11
N TRP B 119 9.41 5.91 0.21
CA TRP B 119 9.27 5.05 1.39
C TRP B 119 9.60 3.59 1.07
N ALA B 120 10.35 2.98 1.97
CA ALA B 120 10.68 1.55 1.91
C ALA B 120 9.60 0.74 2.62
N ARG B 121 9.53 -0.55 2.31
CA ARG B 121 8.51 -1.44 2.84
C ARG B 121 9.05 -2.86 2.96
N ARG B 122 8.93 -3.43 4.17
CA ARG B 122 9.35 -4.80 4.45
C ARG B 122 8.38 -5.49 5.41
N PHE B 123 8.34 -6.83 5.36
CA PHE B 123 7.62 -7.62 6.35
C PHE B 123 8.49 -7.82 7.58
N GLU B 124 7.89 -7.62 8.76
CA GLU B 124 8.58 -7.80 10.03
C GLU B 124 7.92 -8.86 10.91
N LEU B 125 8.75 -9.61 11.66
CA LEU B 125 8.24 -10.52 12.68
C LEU B 125 8.42 -9.87 14.03
N ARG B 126 7.31 -9.64 14.73
CA ARG B 126 7.35 -8.95 16.02
C ARG B 126 6.48 -9.63 17.08
N GLY B 127 6.83 -9.42 18.35
CA GLY B 127 5.93 -9.73 19.44
C GLY B 127 4.62 -8.97 19.23
N ARG B 128 3.50 -9.67 19.34
CA ARG B 128 2.16 -9.11 19.09
C ARG B 128 1.86 -7.84 19.89
N GLU B 129 2.23 -7.80 21.17
CA GLU B 129 2.06 -6.59 21.99
C GLU B 129 2.91 -5.37 21.58
N GLU B 130 4.21 -5.58 21.34
CA GLU B 130 5.07 -4.59 20.71
C GLU B 130 4.41 -3.98 19.45
N ALA B 131 3.87 -4.88 18.61
CA ALA B 131 3.32 -4.56 17.31
C ALA B 131 2.01 -3.77 17.36
N ARG B 132 1.07 -4.24 18.20
CA ARG B 132 -0.23 -3.59 18.44
C ARG B 132 -0.04 -2.18 19.01
N ARG B 133 1.01 -1.98 19.81
CA ARG B 133 1.42 -0.65 20.30
C ARG B 133 1.88 0.27 19.18
N LEU B 134 2.89 -0.19 18.42
CA LEU B 134 3.43 0.59 17.29
C LEU B 134 2.39 0.87 16.21
N GLU B 135 1.47 -0.07 16.02
CA GLU B 135 0.34 0.10 15.08
C GLU B 135 -0.58 1.25 15.49
N GLN B 136 -0.58 1.59 16.77
CA GLN B 136 -1.42 2.64 17.32
C GLN B 136 -0.73 4.01 17.47
N GLU B 137 0.55 4.03 17.83
CA GLU B 137 1.22 5.28 18.17
C GLU B 137 2.57 5.52 17.47
N ALA B 138 2.53 5.77 16.16
CA ALA B 138 3.71 6.19 15.38
C ALA B 138 3.30 6.81 14.04
N MET C 1 -22.93 6.94 -24.37
CA MET C 1 -23.52 8.00 -23.50
C MET C 1 -22.46 9.04 -23.15
N ARG C 2 -22.80 10.32 -23.36
CA ARG C 2 -21.92 11.42 -22.96
C ARG C 2 -22.14 11.83 -21.51
N GLU C 3 -21.04 11.89 -20.76
CA GLU C 3 -21.06 12.37 -19.38
C GLU C 3 -20.93 13.90 -19.26
N TYR C 4 -21.80 14.50 -18.46
CA TYR C 4 -21.68 15.90 -18.08
C TYR C 4 -21.33 15.97 -16.59
N LYS C 5 -20.24 16.67 -16.28
CA LYS C 5 -19.82 16.88 -14.88
C LYS C 5 -20.38 18.21 -14.34
N LEU C 6 -21.37 18.10 -13.46
CA LEU C 6 -22.07 19.26 -12.89
C LEU C 6 -21.74 19.44 -11.41
N VAL C 7 -21.69 20.69 -10.96
CA VAL C 7 -21.29 21.03 -9.60
C VAL C 7 -22.32 21.96 -8.98
N VAL C 8 -22.76 21.63 -7.76
CA VAL C 8 -23.74 22.42 -7.01
C VAL C 8 -23.02 23.11 -5.85
N LEU C 9 -22.98 24.44 -5.89
CA LEU C 9 -22.24 25.27 -4.93
C LEU C 9 -23.18 26.23 -4.22
N GLY C 10 -22.70 26.79 -3.11
CA GLY C 10 -23.49 27.73 -2.31
C GLY C 10 -23.33 27.56 -0.82
N SER C 11 -23.78 28.56 -0.08
CA SER C 11 -23.62 28.61 1.38
C SER C 11 -24.43 27.51 2.08
N GLY C 12 -24.04 27.23 3.33
CA GLY C 12 -24.66 26.18 4.14
C GLY C 12 -26.16 26.33 4.26
N GLY C 13 -26.85 25.20 4.24
CA GLY C 13 -28.29 25.10 4.52
C GLY C 13 -29.26 25.60 3.47
N VAL C 14 -28.76 25.96 2.28
CA VAL C 14 -29.62 26.50 1.20
C VAL C 14 -30.49 25.45 0.53
N GLY C 15 -30.02 24.20 0.50
CA GLY C 15 -30.75 23.14 -0.18
C GLY C 15 -30.06 22.54 -1.40
N LYS C 16 -28.74 22.65 -1.45
CA LYS C 16 -27.95 21.96 -2.48
C LYS C 16 -28.19 20.45 -2.46
N SER C 17 -28.11 19.85 -1.26
CA SER C 17 -28.27 18.40 -1.11
C SER C 17 -29.70 17.99 -1.39
N ALA C 18 -30.64 18.74 -0.81
CA ALA C 18 -32.07 18.54 -1.06
C ALA C 18 -32.39 18.65 -2.55
N LEU C 19 -31.84 19.64 -3.24
CA LEU C 19 -32.06 19.77 -4.68
C LEU C 19 -31.52 18.60 -5.48
N THR C 20 -30.31 18.17 -5.14
CA THR C 20 -29.67 17.06 -5.81
C THR C 20 -30.42 15.75 -5.59
N VAL C 21 -30.79 15.49 -4.34
CA VAL C 21 -31.39 14.21 -3.94
C VAL C 21 -32.79 14.07 -4.53
N GLN C 22 -33.55 15.18 -4.52
CA GLN C 22 -34.87 15.26 -5.14
C GLN C 22 -34.80 14.95 -6.63
N PHE C 23 -33.79 15.52 -7.29
CA PHE C 23 -33.55 15.28 -8.70
C PHE C 23 -33.19 13.82 -8.98
N VAL C 24 -32.27 13.26 -8.19
CA VAL C 24 -31.69 11.92 -8.42
C VAL C 24 -32.56 10.75 -7.91
N GLN C 25 -33.12 10.89 -6.70
CA GLN C 25 -33.85 9.82 -6.00
C GLN C 25 -35.35 9.97 -5.96
N GLY C 26 -35.82 11.22 -6.00
CA GLY C 26 -37.25 11.53 -6.02
C GLY C 26 -37.88 11.61 -4.65
N ILE C 27 -37.04 11.75 -3.62
CA ILE C 27 -37.48 11.93 -2.22
C ILE C 27 -36.93 13.24 -1.65
N PHE C 28 -37.61 13.78 -0.64
CA PHE C 28 -37.24 15.06 -0.01
C PHE C 28 -36.55 14.91 1.35
N VAL C 29 -35.28 15.32 1.40
CA VAL C 29 -34.48 15.26 2.62
C VAL C 29 -34.88 16.38 3.59
N GLU C 30 -35.43 15.95 4.74
CA GLU C 30 -35.85 16.84 5.82
C GLU C 30 -34.70 17.18 6.76
N LYS C 31 -33.97 16.15 7.20
CA LYS C 31 -32.83 16.26 8.15
C LYS C 31 -31.75 17.23 7.68
N TYR C 32 -31.06 17.87 8.62
CA TYR C 32 -29.94 18.73 8.24
C TYR C 32 -28.59 18.15 8.65
N ASP C 33 -27.98 17.40 7.73
CA ASP C 33 -26.61 16.92 7.87
C ASP C 33 -25.71 17.70 6.89
N PRO C 34 -24.88 18.64 7.40
CA PRO C 34 -23.98 19.39 6.50
C PRO C 34 -23.11 18.45 5.67
N THR C 35 -23.08 18.68 4.36
CA THR C 35 -22.32 17.85 3.40
C THR C 35 -20.85 18.14 3.52
N ILE C 36 -20.03 17.11 3.36
CA ILE C 36 -18.61 17.29 3.13
C ILE C 36 -18.37 17.27 1.62
N GLU C 37 -18.77 16.18 0.95
CA GLU C 37 -18.74 16.05 -0.52
C GLU C 37 -19.42 14.76 -0.98
N ASP C 38 -20.64 14.89 -1.47
CA ASP C 38 -21.34 13.75 -2.03
C ASP C 38 -21.33 13.84 -3.54
N SER C 39 -21.36 12.68 -4.19
CA SER C 39 -21.44 12.55 -5.64
C SER C 39 -22.56 11.60 -6.01
N TYR C 40 -23.25 11.93 -7.10
CA TYR C 40 -24.41 11.21 -7.59
C TYR C 40 -24.27 10.97 -9.09
N ARG C 41 -24.87 9.87 -9.57
CA ARG C 41 -24.90 9.55 -10.99
C ARG C 41 -26.34 9.30 -11.42
N LYS C 42 -26.83 10.09 -12.38
CA LYS C 42 -28.17 9.95 -12.94
C LYS C 42 -28.18 10.08 -14.46
N GLN C 43 -28.92 9.17 -15.11
CA GLN C 43 -29.19 9.21 -16.56
C GLN C 43 -30.51 9.98 -16.83
N VAL C 44 -30.45 10.90 -17.79
CA VAL C 44 -31.62 11.67 -18.23
C VAL C 44 -31.68 11.80 -19.75
N GLU C 45 -32.90 11.86 -20.28
CA GLU C 45 -33.13 12.28 -21.64
C GLU C 45 -33.18 13.80 -21.62
N VAL C 46 -32.26 14.43 -22.33
CA VAL C 46 -32.26 15.88 -22.53
C VAL C 46 -32.17 16.14 -24.03
N ASP C 47 -33.32 16.54 -24.59
CA ASP C 47 -33.51 16.79 -26.03
C ASP C 47 -33.02 15.61 -26.90
N ALA C 48 -33.85 14.57 -26.96
CA ALA C 48 -33.63 13.34 -27.75
C ALA C 48 -32.27 12.65 -27.51
N GLN C 49 -31.64 12.98 -26.39
CA GLN C 49 -30.32 12.46 -26.06
C GLN C 49 -30.26 11.77 -24.71
N GLN C 50 -29.59 10.63 -24.65
CA GLN C 50 -29.29 9.97 -23.39
C GLN C 50 -28.01 10.54 -22.80
N CYS C 51 -28.17 11.23 -21.67
CA CYS C 51 -27.06 11.92 -21.00
C CYS C 51 -26.80 11.28 -19.65
N MET C 52 -25.51 11.17 -19.29
CA MET C 52 -25.10 10.66 -17.99
C MET C 52 -24.54 11.80 -17.11
N LEU C 53 -25.31 12.20 -16.11
CA LEU C 53 -24.86 13.29 -15.21
C LEU C 53 -24.12 12.81 -13.98
N GLU C 54 -22.87 13.25 -13.86
CA GLU C 54 -22.19 13.21 -12.59
C GLU C 54 -22.41 14.59 -11.91
N ILE C 55 -23.06 14.57 -10.74
CA ILE C 55 -23.44 15.78 -10.00
C ILE C 55 -22.71 15.79 -8.67
N LEU C 56 -21.98 16.88 -8.44
CA LEU C 56 -21.20 17.06 -7.22
C LEU C 56 -21.95 17.97 -6.24
N ASP C 57 -22.31 17.37 -5.12
CA ASP C 57 -22.99 18.04 -4.01
C ASP C 57 -21.88 18.48 -3.06
N THR C 58 -21.62 19.79 -2.99
CA THR C 58 -20.44 20.30 -2.28
C THR C 58 -20.70 20.80 -0.84
N ALA C 59 -19.66 21.29 -0.17
CA ALA C 59 -19.76 21.77 1.22
C ALA C 59 -20.06 23.27 1.30
N GLY C 60 -21.06 23.62 2.11
CA GLY C 60 -21.32 25.01 2.47
C GLY C 60 -20.33 25.48 3.53
N THR C 61 -20.35 24.80 4.67
CA THR C 61 -19.55 25.14 5.87
C THR C 61 -18.04 25.27 5.64
N PHE C 64 -13.80 24.69 3.79
CA PHE C 64 -13.23 23.67 2.91
C PHE C 64 -12.69 24.28 1.61
N THR C 65 -12.00 25.41 1.74
CA THR C 65 -11.44 26.16 0.61
C THR C 65 -10.34 25.39 -0.13
N ALA C 66 -9.64 24.52 0.60
CA ALA C 66 -8.59 23.67 0.03
C ALA C 66 -9.10 22.83 -1.14
N MET C 67 -10.18 22.07 -0.91
CA MET C 67 -10.74 21.17 -1.91
C MET C 67 -11.55 21.89 -3.01
N ARG C 68 -11.92 23.15 -2.77
CA ARG C 68 -12.77 23.93 -3.69
C ARG C 68 -12.20 24.11 -5.10
N ASP C 69 -10.89 24.34 -5.20
CA ASP C 69 -10.22 24.57 -6.48
C ASP C 69 -10.35 23.41 -7.48
N LEU C 70 -10.37 22.18 -6.96
CA LEU C 70 -10.56 20.99 -7.79
C LEU C 70 -11.99 20.85 -8.35
N TYR C 71 -13.01 21.24 -7.56
CA TYR C 71 -14.41 21.27 -8.05
C TYR C 71 -14.48 22.07 -9.34
N MET C 72 -13.96 23.29 -9.27
CA MET C 72 -14.09 24.30 -10.32
C MET C 72 -13.26 24.00 -11.56
N LYS C 73 -12.06 23.43 -11.37
CA LYS C 73 -11.19 23.03 -12.49
C LYS C 73 -11.81 21.91 -13.34
N ASN C 74 -12.49 20.98 -12.69
CA ASN C 74 -12.98 19.77 -13.37
C ASN C 74 -14.48 19.80 -13.77
N GLY C 75 -15.27 20.65 -13.13
CA GLY C 75 -16.70 20.73 -13.40
C GLY C 75 -17.01 21.51 -14.67
N GLN C 76 -17.98 21.04 -15.44
CA GLN C 76 -18.38 21.70 -16.70
C GLN C 76 -19.53 22.66 -16.51
N GLY C 77 -20.46 22.32 -15.62
CA GLY C 77 -21.60 23.19 -15.29
C GLY C 77 -21.71 23.45 -13.80
N PHE C 78 -22.26 24.61 -13.43
CA PHE C 78 -22.32 25.01 -12.03
C PHE C 78 -23.67 25.59 -11.68
N ALA C 79 -24.28 25.04 -10.62
CA ALA C 79 -25.49 25.61 -10.07
C ALA C 79 -25.10 26.33 -8.79
N LEU C 80 -25.32 27.65 -8.77
CA LEU C 80 -25.08 28.48 -7.59
C LEU C 80 -26.40 28.65 -6.86
N VAL C 81 -26.45 28.18 -5.62
CA VAL C 81 -27.74 28.08 -4.91
C VAL C 81 -27.77 28.96 -3.65
N TYR C 82 -28.82 29.77 -3.54
CA TYR C 82 -29.15 30.53 -2.33
C TYR C 82 -30.51 30.16 -1.76
N SER C 83 -30.70 30.47 -0.48
CA SER C 83 -31.98 30.36 0.19
C SER C 83 -32.65 31.72 0.08
N ILE C 84 -33.89 31.75 -0.43
CA ILE C 84 -34.68 32.98 -0.42
C ILE C 84 -34.97 33.44 1.01
N THR C 85 -35.01 32.48 1.95
CA THR C 85 -35.12 32.72 3.39
C THR C 85 -33.94 33.52 3.93
N ALA C 86 -32.72 33.13 3.54
CA ALA C 86 -31.50 33.66 4.14
C ALA C 86 -30.77 34.66 3.25
N GLN C 87 -30.74 35.91 3.70
CA GLN C 87 -30.17 37.03 2.96
C GLN C 87 -28.68 36.84 2.68
N SER C 88 -27.93 36.49 3.72
CA SER C 88 -26.47 36.35 3.63
C SER C 88 -26.04 35.36 2.54
N THR C 89 -26.80 34.28 2.39
CA THR C 89 -26.50 33.23 1.40
C THR C 89 -26.42 33.76 -0.04
N PHE C 90 -27.25 34.76 -0.34
CA PHE C 90 -27.21 35.50 -1.60
C PHE C 90 -25.92 36.30 -1.79
N ASN C 91 -25.48 37.01 -0.75
CA ASN C 91 -24.30 37.88 -0.81
C ASN C 91 -23.01 37.10 -1.05
N ASP C 92 -22.99 35.85 -0.56
CA ASP C 92 -21.83 34.96 -0.63
C ASP C 92 -21.60 34.37 -2.02
N LEU C 93 -22.62 34.46 -2.88
CA LEU C 93 -22.56 33.96 -4.25
C LEU C 93 -21.65 34.76 -5.17
N GLN C 94 -21.61 36.08 -4.95
CA GLN C 94 -20.78 37.01 -5.72
C GLN C 94 -19.32 36.55 -5.79
N ASP C 95 -18.79 36.11 -4.66
CA ASP C 95 -17.41 35.67 -4.59
C ASP C 95 -17.22 34.28 -5.21
N LEU C 96 -18.29 33.47 -5.25
CA LEU C 96 -18.24 32.14 -5.88
C LEU C 96 -18.15 32.21 -7.41
N ARG C 97 -19.05 32.98 -8.03
CA ARG C 97 -18.96 33.35 -9.44
C ARG C 97 -17.54 33.74 -9.86
N GLU C 98 -17.00 34.76 -9.18
CA GLU C 98 -15.67 35.33 -9.48
C GLU C 98 -14.54 34.31 -9.37
N GLN C 99 -14.66 33.38 -8.43
CA GLN C 99 -13.65 32.35 -8.19
C GLN C 99 -13.65 31.26 -9.26
N ILE C 100 -14.85 30.87 -9.74
CA ILE C 100 -15.03 29.95 -10.88
C ILE C 100 -14.34 30.54 -12.11
N LEU C 101 -14.69 31.79 -12.43
CA LEU C 101 -14.11 32.54 -13.55
C LEU C 101 -12.60 32.73 -13.43
N ARG C 102 -12.12 32.98 -12.21
CA ARG C 102 -10.68 33.10 -11.93
C ARG C 102 -9.93 31.79 -12.19
N VAL C 103 -10.48 30.68 -11.69
CA VAL C 103 -9.85 29.35 -11.78
C VAL C 103 -9.90 28.79 -13.21
N LYS C 104 -11.02 28.98 -13.90
CA LYS C 104 -11.20 28.49 -15.27
C LYS C 104 -10.57 29.36 -16.36
N ASP C 105 -10.41 30.65 -16.07
CA ASP C 105 -9.87 31.68 -16.97
C ASP C 105 -10.74 31.93 -18.22
N THR C 106 -12.03 32.16 -17.99
CA THR C 106 -13.01 32.52 -19.03
C THR C 106 -14.26 33.11 -18.38
N ASP C 107 -14.80 34.16 -18.99
CA ASP C 107 -16.05 34.81 -18.54
C ASP C 107 -17.30 34.16 -19.18
N ASP C 108 -17.12 32.95 -19.70
CA ASP C 108 -18.12 32.24 -20.49
C ASP C 108 -18.19 30.79 -20.00
N VAL C 109 -18.81 30.61 -18.85
CA VAL C 109 -18.92 29.29 -18.19
C VAL C 109 -20.40 28.97 -17.94
N PRO C 110 -20.87 27.77 -18.40
CA PRO C 110 -22.29 27.38 -18.22
C PRO C 110 -22.68 27.24 -16.75
N MET C 111 -23.77 27.90 -16.39
CA MET C 111 -24.07 28.27 -15.02
C MET C 111 -25.54 28.65 -14.92
N ILE C 112 -26.07 28.59 -13.70
CA ILE C 112 -27.47 28.92 -13.42
C ILE C 112 -27.58 29.36 -11.94
N LEU C 113 -28.18 30.53 -11.73
CA LEU C 113 -28.38 31.07 -10.40
C LEU C 113 -29.66 30.50 -9.82
N VAL C 114 -29.54 29.74 -8.74
CA VAL C 114 -30.70 29.04 -8.18
C VAL C 114 -31.14 29.67 -6.86
N GLY C 115 -32.37 30.15 -6.87
CA GLY C 115 -33.04 30.63 -5.66
C GLY C 115 -33.91 29.53 -5.08
N ASN C 116 -33.40 28.88 -4.03
CA ASN C 116 -34.10 27.75 -3.43
C ASN C 116 -35.06 28.19 -2.32
N LYS C 117 -36.06 27.32 -2.07
CA LYS C 117 -37.02 27.36 -0.93
C LYS C 117 -38.27 28.22 -1.17
N CYS C 118 -38.62 28.40 -2.44
CA CYS C 118 -39.77 29.22 -2.87
C CYS C 118 -41.12 28.80 -2.27
N ASP C 119 -41.23 27.56 -1.80
CA ASP C 119 -42.41 27.09 -1.07
C ASP C 119 -42.59 27.79 0.30
N LEU C 120 -41.49 28.30 0.86
CA LEU C 120 -41.53 29.09 2.09
C LEU C 120 -41.85 30.55 1.73
N GLU C 121 -43.03 30.73 1.12
CA GLU C 121 -43.47 32.01 0.54
C GLU C 121 -43.65 33.09 1.62
N ASP C 122 -44.28 32.69 2.74
CA ASP C 122 -44.47 33.59 3.88
C ASP C 122 -43.14 33.90 4.65
N GLU C 123 -42.00 33.60 4.03
CA GLU C 123 -40.69 33.75 4.67
C GLU C 123 -39.60 34.40 3.80
N ARG C 124 -40.01 34.90 2.64
CA ARG C 124 -39.10 35.55 1.70
C ARG C 124 -38.35 36.73 2.33
N VAL C 125 -37.06 36.83 2.03
CA VAL C 125 -36.19 37.91 2.47
C VAL C 125 -35.38 38.36 1.24
N VAL C 126 -35.41 37.54 0.19
CA VAL C 126 -34.84 37.83 -1.14
C VAL C 126 -35.92 37.63 -2.20
N GLY C 127 -36.44 38.74 -2.73
CA GLY C 127 -37.46 38.70 -3.78
C GLY C 127 -36.87 38.35 -5.14
N LYS C 128 -37.73 37.83 -6.03
CA LYS C 128 -37.34 37.38 -7.37
C LYS C 128 -36.59 38.45 -8.17
N GLU C 129 -36.94 39.72 -7.91
CA GLU C 129 -36.29 40.88 -8.52
C GLU C 129 -34.79 40.94 -8.22
N GLN C 130 -34.42 40.66 -6.97
CA GLN C 130 -33.02 40.59 -6.53
C GLN C 130 -32.20 39.54 -7.27
N GLY C 131 -32.82 38.38 -7.50
CA GLY C 131 -32.20 37.25 -8.19
C GLY C 131 -31.95 37.51 -9.67
N GLN C 132 -32.94 38.10 -10.33
CA GLN C 132 -32.80 38.53 -11.74
C GLN C 132 -31.75 39.63 -11.95
N ASN C 133 -31.69 40.59 -11.01
CA ASN C 133 -30.78 41.74 -11.12
C ASN C 133 -29.31 41.31 -11.06
N LEU C 134 -29.04 40.30 -10.25
CA LEU C 134 -27.71 39.71 -10.17
C LEU C 134 -27.46 38.84 -11.41
N ALA C 135 -28.49 38.09 -11.82
CA ALA C 135 -28.42 37.24 -13.01
C ALA C 135 -28.07 38.08 -14.24
N ARG C 136 -28.75 39.22 -14.37
CA ARG C 136 -28.40 40.27 -15.32
C ARG C 136 -26.92 40.70 -15.21
N GLN C 137 -26.51 41.19 -14.04
CA GLN C 137 -25.11 41.66 -13.81
C GLN C 137 -24.07 40.59 -14.20
N TRP C 138 -24.42 39.33 -13.97
CA TRP C 138 -23.56 38.20 -14.25
C TRP C 138 -23.59 37.81 -15.73
N ASN C 139 -23.23 38.76 -16.60
CA ASN C 139 -23.15 38.54 -18.05
C ASN C 139 -24.45 37.95 -18.62
N ASN C 140 -25.59 38.41 -18.09
CA ASN C 140 -26.94 37.91 -18.38
C ASN C 140 -27.02 36.37 -18.28
N CYS C 141 -26.80 35.89 -17.05
CA CYS C 141 -26.76 34.46 -16.71
C CYS C 141 -28.15 33.93 -16.43
N ALA C 142 -28.34 32.62 -16.58
CA ALA C 142 -29.63 31.96 -16.37
C ALA C 142 -30.03 31.90 -14.88
N PHE C 143 -31.35 31.91 -14.63
CA PHE C 143 -31.91 32.08 -13.30
C PHE C 143 -33.21 31.32 -13.11
N LEU C 144 -33.38 30.75 -11.93
CA LEU C 144 -34.61 30.07 -11.54
C LEU C 144 -34.88 30.29 -10.07
N GLU C 145 -36.15 30.25 -9.70
CA GLU C 145 -36.49 29.95 -8.33
C GLU C 145 -37.00 28.53 -8.26
N SER C 146 -36.58 27.82 -7.21
CA SER C 146 -36.87 26.42 -7.05
C SER C 146 -37.35 26.06 -5.65
N SER C 147 -38.11 24.97 -5.54
CA SER C 147 -38.34 24.31 -4.26
C SER C 147 -38.11 22.81 -4.37
N ALA C 148 -37.20 22.31 -3.52
CA ALA C 148 -36.88 20.88 -3.44
C ALA C 148 -37.99 20.10 -2.76
N LYS C 149 -38.82 20.78 -1.96
CA LYS C 149 -39.94 20.15 -1.30
C LYS C 149 -41.04 19.80 -2.29
N SER C 150 -41.48 20.79 -3.06
CA SER C 150 -42.63 20.63 -3.95
C SER C 150 -42.26 20.32 -5.40
N LYS C 151 -40.98 20.00 -5.62
CA LYS C 151 -40.44 19.60 -6.93
C LYS C 151 -40.67 20.66 -8.03
N ILE C 152 -40.35 21.92 -7.72
CA ILE C 152 -40.54 23.05 -8.64
C ILE C 152 -39.19 23.55 -9.21
N ASN C 153 -39.03 23.36 -10.52
CA ASN C 153 -37.78 23.67 -11.28
C ASN C 153 -36.54 22.86 -10.88
N VAL C 154 -36.77 21.73 -10.22
CA VAL C 154 -35.69 20.87 -9.74
C VAL C 154 -34.99 20.23 -10.93
N ASN C 155 -35.79 19.69 -11.86
CA ASN C 155 -35.26 19.09 -13.07
C ASN C 155 -34.67 20.11 -14.01
N GLU C 156 -35.32 21.27 -14.07
CA GLU C 156 -34.86 22.44 -14.82
C GLU C 156 -33.39 22.81 -14.58
N ILE C 157 -32.98 22.89 -13.31
CA ILE C 157 -31.61 23.25 -12.89
C ILE C 157 -30.54 22.45 -13.64
N PHE C 158 -30.75 21.14 -13.73
CA PHE C 158 -29.74 20.24 -14.30
C PHE C 158 -29.94 20.09 -15.80
N TYR C 159 -31.18 20.22 -16.25
CA TYR C 159 -31.54 20.27 -17.67
C TYR C 159 -30.87 21.44 -18.37
N ASP C 160 -31.12 22.65 -17.85
CA ASP C 160 -30.57 23.91 -18.37
C ASP C 160 -29.04 23.82 -18.47
N LEU C 161 -28.42 23.26 -17.44
CA LEU C 161 -26.96 23.07 -17.43
C LEU C 161 -26.44 22.24 -18.60
N VAL C 162 -27.13 21.12 -18.89
CA VAL C 162 -26.75 20.20 -19.97
C VAL C 162 -26.92 20.89 -21.33
N ARG C 163 -28.09 21.51 -21.51
CA ARG C 163 -28.38 22.34 -22.67
C ARG C 163 -27.28 23.37 -22.95
N GLN C 164 -26.79 24.01 -21.88
CA GLN C 164 -25.77 25.04 -21.98
C GLN C 164 -24.41 24.51 -22.42
N ILE C 165 -23.97 23.40 -21.80
CA ILE C 165 -22.73 22.72 -22.23
C ILE C 165 -22.83 22.27 -23.69
N ASN C 166 -24.04 21.91 -24.12
CA ASN C 166 -24.31 21.47 -25.49
C ASN C 166 -24.02 22.56 -26.53
N ARG C 167 -23.66 23.73 -26.02
CA ARG C 167 -23.13 24.85 -26.78
C ARG C 167 -21.84 25.39 -26.10
N MET D 1 33.07 3.18 8.10
CA MET D 1 32.72 1.73 8.14
C MET D 1 32.15 1.28 6.79
N ARG D 2 33.00 0.61 6.01
CA ARG D 2 32.66 0.10 4.68
C ARG D 2 31.67 -1.08 4.80
N GLU D 3 30.69 -1.11 3.89
CA GLU D 3 29.75 -2.21 3.80
C GLU D 3 30.31 -3.30 2.88
N TYR D 4 30.32 -4.54 3.37
CA TYR D 4 30.84 -5.70 2.61
C TYR D 4 29.72 -6.71 2.36
N LYS D 5 29.41 -6.93 1.08
CA LYS D 5 28.35 -7.84 0.68
C LYS D 5 28.96 -9.20 0.37
N LEU D 6 28.68 -10.18 1.23
CA LEU D 6 29.29 -11.51 1.16
C LEU D 6 28.25 -12.63 0.96
N VAL D 7 28.49 -13.47 -0.02
CA VAL D 7 27.53 -14.52 -0.39
C VAL D 7 28.16 -15.89 -0.17
N VAL D 8 27.47 -16.73 0.59
CA VAL D 8 27.91 -18.08 0.87
C VAL D 8 27.17 -19.02 -0.08
N LEU D 9 27.87 -19.45 -1.12
CA LEU D 9 27.35 -20.31 -2.21
C LEU D 9 27.77 -21.77 -2.11
N GLY D 10 26.91 -22.65 -2.62
CA GLY D 10 27.24 -24.08 -2.68
C GLY D 10 26.03 -24.98 -2.82
N SER D 11 26.30 -26.28 -2.96
CA SER D 11 25.27 -27.31 -3.01
C SER D 11 24.61 -27.46 -1.64
N GLY D 12 23.50 -28.19 -1.59
CA GLY D 12 22.79 -28.48 -0.34
C GLY D 12 23.65 -29.22 0.66
N GLY D 13 23.30 -29.10 1.94
CA GLY D 13 23.93 -29.84 3.03
C GLY D 13 25.42 -29.67 3.33
N VAL D 14 26.13 -28.90 2.49
CA VAL D 14 27.58 -28.69 2.62
C VAL D 14 28.02 -27.94 3.90
N GLY D 15 27.10 -27.20 4.50
CA GLY D 15 27.38 -26.52 5.77
C GLY D 15 27.43 -25.01 5.67
N LYS D 16 26.63 -24.47 4.76
CA LYS D 16 26.54 -23.04 4.46
C LYS D 16 25.98 -22.23 5.64
N SER D 17 24.85 -22.68 6.18
CA SER D 17 24.19 -22.05 7.31
C SER D 17 25.08 -22.18 8.52
N ALA D 18 25.63 -23.40 8.69
CA ALA D 18 26.49 -23.75 9.81
C ALA D 18 27.67 -22.80 9.93
N LEU D 19 28.42 -22.64 8.83
CA LEU D 19 29.56 -21.71 8.77
C LEU D 19 29.17 -20.29 9.16
N THR D 20 28.03 -19.83 8.63
CA THR D 20 27.52 -18.47 8.86
C THR D 20 27.04 -18.24 10.28
N VAL D 21 26.17 -19.12 10.78
CA VAL D 21 25.65 -19.04 12.15
C VAL D 21 26.80 -19.07 13.17
N GLN D 22 27.80 -19.94 12.91
CA GLN D 22 29.00 -20.02 13.74
C GLN D 22 29.68 -18.66 13.79
N PHE D 23 30.11 -18.18 12.62
CA PHE D 23 30.77 -16.90 12.47
C PHE D 23 30.04 -15.78 13.19
N VAL D 24 28.71 -15.74 13.01
CA VAL D 24 27.86 -14.64 13.47
C VAL D 24 27.39 -14.78 14.93
N GLN D 25 26.69 -15.87 15.25
CA GLN D 25 26.07 -16.05 16.56
C GLN D 25 26.94 -16.81 17.55
N GLY D 26 28.04 -17.37 17.06
CA GLY D 26 29.00 -18.10 17.88
C GLY D 26 28.60 -19.50 18.29
N ILE D 27 27.51 -20.02 17.71
CA ILE D 27 27.00 -21.36 18.07
C ILE D 27 26.93 -22.31 16.86
N PHE D 28 27.03 -23.62 17.11
CA PHE D 28 26.97 -24.64 16.04
C PHE D 28 25.61 -25.32 15.93
N VAL D 29 24.97 -25.17 14.76
CA VAL D 29 23.59 -25.64 14.53
C VAL D 29 23.45 -27.16 14.52
N GLU D 30 22.33 -27.63 15.09
CA GLU D 30 22.03 -29.04 15.23
C GLU D 30 21.43 -29.61 13.94
N LYS D 31 20.09 -29.64 13.85
CA LYS D 31 19.35 -30.26 12.74
C LYS D 31 19.51 -29.46 11.44
N TYR D 32 19.01 -30.04 10.35
CA TYR D 32 19.20 -29.48 9.00
C TYR D 32 17.87 -29.19 8.29
N ASP D 33 17.54 -27.89 8.17
CA ASP D 33 16.39 -27.42 7.38
C ASP D 33 16.83 -26.53 6.20
N PRO D 34 16.49 -26.94 4.96
CA PRO D 34 16.58 -26.16 3.72
C PRO D 34 16.30 -24.64 3.86
N THR D 35 17.35 -23.86 3.63
CA THR D 35 17.30 -22.40 3.60
C THR D 35 16.71 -21.91 2.28
N ILE D 36 15.77 -20.97 2.34
CA ILE D 36 15.32 -20.27 1.13
C ILE D 36 16.32 -19.16 0.77
N GLU D 37 16.51 -18.21 1.68
CA GLU D 37 17.52 -17.14 1.59
C GLU D 37 17.50 -16.41 2.93
N ASP D 38 18.63 -16.43 3.61
CA ASP D 38 18.83 -15.77 4.90
C ASP D 38 19.90 -14.71 4.79
N SER D 39 19.83 -13.73 5.70
CA SER D 39 20.79 -12.64 5.72
C SER D 39 21.17 -12.29 7.16
N TYR D 40 22.45 -12.05 7.35
CA TYR D 40 23.00 -11.72 8.64
C TYR D 40 23.84 -10.46 8.51
N ARG D 41 23.93 -9.71 9.61
CA ARG D 41 24.78 -8.53 9.70
C ARG D 41 25.62 -8.66 10.95
N LYS D 42 26.94 -8.64 10.77
CA LYS D 42 27.89 -8.66 11.88
C LYS D 42 29.04 -7.66 11.66
N GLN D 43 29.31 -6.88 12.69
CA GLN D 43 30.43 -5.94 12.72
C GLN D 43 31.63 -6.63 13.36
N VAL D 44 32.77 -6.54 12.68
CA VAL D 44 34.05 -7.10 13.13
C VAL D 44 35.19 -6.24 12.56
N GLU D 45 36.35 -6.34 13.18
CA GLU D 45 37.55 -5.66 12.70
C GLU D 45 38.34 -6.58 11.76
N VAL D 46 39.00 -5.98 10.76
CA VAL D 46 39.89 -6.74 9.86
C VAL D 46 41.38 -6.37 10.05
N ASP D 47 41.79 -5.20 9.54
CA ASP D 47 43.15 -4.70 9.70
C ASP D 47 43.04 -3.26 10.20
N ALA D 48 43.02 -3.14 11.53
CA ALA D 48 42.85 -1.87 12.25
C ALA D 48 41.51 -1.14 12.02
N GLN D 49 40.73 -1.62 11.05
CA GLN D 49 39.47 -0.97 10.68
C GLN D 49 38.29 -1.90 10.94
N GLN D 50 37.27 -1.36 11.60
CA GLN D 50 36.04 -2.09 11.89
C GLN D 50 35.04 -2.00 10.73
N CYS D 51 34.55 -3.17 10.30
CA CYS D 51 33.76 -3.30 9.07
C CYS D 51 32.35 -3.83 9.33
N MET D 52 31.44 -3.58 8.39
CA MET D 52 30.10 -4.16 8.40
C MET D 52 29.97 -5.19 7.28
N LEU D 53 29.58 -6.41 7.65
CA LEU D 53 29.41 -7.50 6.69
C LEU D 53 27.96 -7.93 6.62
N GLU D 54 27.36 -7.87 5.43
CA GLU D 54 26.11 -8.56 5.18
C GLU D 54 26.43 -9.91 4.57
N ILE D 55 26.11 -10.96 5.31
CA ILE D 55 26.31 -12.32 4.83
C ILE D 55 25.00 -12.86 4.27
N LEU D 56 25.03 -13.41 3.07
CA LEU D 56 23.86 -14.06 2.50
C LEU D 56 24.00 -15.57 2.53
N ASP D 57 23.23 -16.19 3.42
CA ASP D 57 23.13 -17.63 3.55
C ASP D 57 22.13 -18.16 2.50
N THR D 58 22.65 -18.67 1.39
CA THR D 58 21.78 -19.02 0.23
C THR D 58 21.23 -20.46 0.22
N ALA D 59 20.43 -20.76 -0.80
CA ALA D 59 19.76 -22.04 -0.99
C ALA D 59 20.65 -23.13 -1.61
N GLY D 60 20.52 -24.34 -1.08
CA GLY D 60 21.05 -25.54 -1.75
C GLY D 60 20.22 -25.87 -2.98
N THR D 61 18.89 -25.86 -2.79
CA THR D 61 17.88 -26.17 -3.83
C THR D 61 17.97 -25.24 -5.07
N GLU D 62 18.82 -25.67 -6.01
CA GLU D 62 19.15 -24.91 -7.23
C GLU D 62 17.98 -24.75 -8.21
N GLN D 63 17.13 -25.78 -8.29
CA GLN D 63 15.93 -25.79 -9.13
C GLN D 63 14.87 -24.79 -8.62
N PHE D 64 14.77 -24.67 -7.29
CA PHE D 64 13.83 -23.75 -6.62
C PHE D 64 14.39 -22.33 -6.44
N THR D 65 15.59 -22.08 -6.98
CA THR D 65 16.24 -20.77 -6.87
C THR D 65 16.75 -20.21 -8.20
N ALA D 66 15.97 -19.28 -8.76
CA ALA D 66 16.39 -18.46 -9.90
C ALA D 66 16.93 -17.11 -9.39
N MET D 67 16.73 -16.88 -8.08
CA MET D 67 17.24 -15.70 -7.35
C MET D 67 18.78 -15.65 -7.32
N ARG D 68 19.41 -16.77 -7.68
CA ARG D 68 20.85 -16.90 -7.94
C ARG D 68 21.39 -15.74 -8.78
N ASP D 69 20.63 -15.37 -9.81
CA ASP D 69 20.99 -14.32 -10.76
C ASP D 69 21.16 -12.94 -10.11
N LEU D 70 20.27 -12.62 -9.15
CA LEU D 70 20.33 -11.32 -8.46
C LEU D 70 21.52 -11.25 -7.50
N TYR D 71 21.68 -12.27 -6.65
CA TYR D 71 22.72 -12.20 -5.62
C TYR D 71 24.19 -12.29 -6.12
N MET D 72 24.42 -12.95 -7.27
CA MET D 72 25.71 -12.91 -7.95
C MET D 72 26.06 -11.52 -8.48
N LYS D 73 25.06 -10.85 -9.08
CA LYS D 73 25.20 -9.49 -9.55
C LYS D 73 25.55 -8.54 -8.40
N ASN D 74 24.79 -8.67 -7.30
CA ASN D 74 24.89 -7.79 -6.12
C ASN D 74 26.11 -8.02 -5.25
N GLY D 75 26.44 -9.30 -4.99
CA GLY D 75 27.51 -9.69 -4.06
C GLY D 75 28.93 -9.28 -4.44
N GLN D 76 29.71 -8.85 -3.43
CA GLN D 76 31.09 -8.39 -3.60
C GLN D 76 32.13 -9.49 -3.44
N GLY D 77 31.88 -10.42 -2.52
CA GLY D 77 32.76 -11.56 -2.27
C GLY D 77 31.97 -12.85 -2.12
N PHE D 78 32.53 -13.94 -2.62
CA PHE D 78 31.86 -15.23 -2.59
C PHE D 78 32.69 -16.31 -1.92
N ALA D 79 32.02 -17.17 -1.17
CA ALA D 79 32.64 -18.33 -0.59
C ALA D 79 31.90 -19.55 -1.14
N LEU D 80 32.55 -20.24 -2.08
CA LEU D 80 32.02 -21.47 -2.65
C LEU D 80 32.37 -22.61 -1.71
N VAL D 81 31.33 -23.30 -1.25
CA VAL D 81 31.46 -24.28 -0.17
C VAL D 81 31.07 -25.66 -0.68
N TYR D 82 31.98 -26.62 -0.45
CA TYR D 82 31.72 -28.04 -0.69
C TYR D 82 32.02 -28.82 0.58
N SER D 83 31.27 -29.89 0.81
CA SER D 83 31.65 -30.85 1.82
C SER D 83 32.72 -31.75 1.22
N ILE D 84 33.67 -32.16 2.07
CA ILE D 84 34.66 -33.15 1.70
C ILE D 84 34.11 -34.58 1.92
N THR D 85 32.82 -34.65 2.28
CA THR D 85 32.10 -35.89 2.59
C THR D 85 31.36 -36.44 1.36
N ALA D 86 30.96 -35.56 0.44
CA ALA D 86 30.24 -35.97 -0.79
C ALA D 86 30.85 -35.33 -2.03
N GLN D 87 31.20 -36.19 -2.99
CA GLN D 87 31.90 -35.80 -4.23
C GLN D 87 31.08 -34.88 -5.15
N SER D 88 29.76 -35.11 -5.20
CA SER D 88 28.83 -34.29 -6.00
C SER D 88 28.99 -32.79 -5.70
N THR D 89 28.97 -32.45 -4.40
CA THR D 89 29.13 -31.07 -3.88
C THR D 89 30.37 -30.34 -4.42
N PHE D 90 31.48 -31.08 -4.52
CA PHE D 90 32.73 -30.61 -5.11
C PHE D 90 32.64 -30.48 -6.63
N ASN D 91 32.02 -31.46 -7.27
CA ASN D 91 31.87 -31.48 -8.73
C ASN D 91 30.91 -30.37 -9.18
N ASP D 92 29.83 -30.18 -8.42
CA ASP D 92 28.81 -29.15 -8.68
C ASP D 92 29.29 -27.70 -8.40
N LEU D 93 30.61 -27.50 -8.31
CA LEU D 93 31.20 -26.19 -8.01
C LEU D 93 31.73 -25.42 -9.21
N GLN D 94 32.36 -26.13 -10.16
CA GLN D 94 32.89 -25.53 -11.39
C GLN D 94 31.79 -24.81 -12.19
N ASP D 95 30.59 -25.38 -12.16
CA ASP D 95 29.35 -24.76 -12.65
C ASP D 95 29.16 -23.38 -12.01
N LEU D 96 29.12 -23.38 -10.67
CA LEU D 96 28.87 -22.18 -9.85
C LEU D 96 29.97 -21.13 -10.03
N ARG D 97 31.22 -21.57 -9.94
CA ARG D 97 32.41 -20.75 -10.20
C ARG D 97 32.33 -19.93 -11.52
N GLU D 98 31.92 -20.60 -12.61
CA GLU D 98 31.78 -19.97 -13.93
C GLU D 98 30.59 -19.01 -13.99
N GLN D 99 29.49 -19.41 -13.35
CA GLN D 99 28.25 -18.59 -13.25
C GLN D 99 28.51 -17.23 -12.60
N ILE D 100 29.38 -17.19 -11.58
CA ILE D 100 29.81 -15.94 -10.96
C ILE D 100 30.69 -15.15 -11.92
N LEU D 101 31.66 -15.86 -12.52
CA LEU D 101 32.63 -15.28 -13.45
C LEU D 101 32.01 -14.75 -14.73
N ARG D 102 30.88 -15.33 -15.13
CA ARG D 102 30.10 -14.88 -16.29
C ARG D 102 29.32 -13.59 -15.98
N VAL D 103 28.59 -13.59 -14.86
CA VAL D 103 27.72 -12.45 -14.47
C VAL D 103 28.52 -11.17 -14.18
N LYS D 104 29.54 -11.27 -13.32
CA LYS D 104 30.47 -10.16 -13.07
C LYS D 104 31.37 -9.88 -14.29
N ASP D 105 31.52 -10.90 -15.15
CA ASP D 105 32.31 -10.87 -16.41
C ASP D 105 33.78 -10.51 -16.23
N THR D 106 34.44 -11.29 -15.37
CA THR D 106 35.87 -11.14 -15.03
C THR D 106 36.34 -12.32 -14.16
N ASP D 107 37.59 -12.73 -14.35
CA ASP D 107 38.20 -13.75 -13.52
C ASP D 107 38.73 -13.18 -12.20
N ASP D 108 38.83 -11.84 -12.14
CA ASP D 108 39.37 -11.11 -10.98
C ASP D 108 38.30 -10.69 -9.95
N VAL D 109 37.49 -11.68 -9.55
CA VAL D 109 36.43 -11.51 -8.54
C VAL D 109 36.94 -12.05 -7.20
N PRO D 110 36.83 -11.24 -6.10
CA PRO D 110 37.17 -11.72 -4.75
C PRO D 110 36.43 -13.01 -4.41
N MET D 111 37.19 -14.03 -4.09
CA MET D 111 36.64 -15.37 -3.93
C MET D 111 37.47 -16.21 -2.96
N ILE D 112 36.78 -17.06 -2.21
CA ILE D 112 37.44 -18.10 -1.44
C ILE D 112 36.77 -19.46 -1.62
N LEU D 113 37.57 -20.44 -2.07
CA LEU D 113 37.14 -21.85 -2.16
C LEU D 113 37.20 -22.50 -0.78
N VAL D 114 36.13 -23.18 -0.39
CA VAL D 114 35.96 -23.67 0.97
C VAL D 114 35.49 -25.14 1.01
N GLY D 115 36.34 -26.00 1.59
CA GLY D 115 36.06 -27.41 1.84
C GLY D 115 35.68 -27.63 3.29
N ASN D 116 34.38 -27.67 3.54
CA ASN D 116 33.85 -27.73 4.90
C ASN D 116 33.89 -29.16 5.43
N LYS D 117 33.57 -29.31 6.74
CA LYS D 117 33.45 -30.59 7.46
C LYS D 117 34.79 -31.35 7.58
N CYS D 118 35.90 -30.60 7.70
CA CYS D 118 37.23 -31.19 7.79
C CYS D 118 37.51 -31.89 9.13
N ASP D 119 36.56 -31.82 10.05
CA ASP D 119 36.57 -32.63 11.29
C ASP D 119 36.17 -34.10 11.04
N LEU D 120 35.44 -34.34 9.96
CA LEU D 120 35.07 -35.70 9.53
C LEU D 120 36.12 -36.26 8.54
N GLU D 121 37.33 -36.47 9.07
CA GLU D 121 38.45 -37.02 8.32
C GLU D 121 38.15 -38.43 7.80
N ASP D 122 37.43 -39.20 8.62
CA ASP D 122 37.07 -40.60 8.36
C ASP D 122 36.13 -40.84 7.17
N GLU D 123 35.29 -39.84 6.83
CA GLU D 123 34.34 -39.96 5.69
C GLU D 123 34.73 -39.14 4.46
N ARG D 124 35.97 -38.63 4.46
CA ARG D 124 36.52 -37.82 3.37
C ARG D 124 36.58 -38.55 2.01
N VAL D 125 36.00 -37.90 1.00
CA VAL D 125 35.92 -38.39 -0.38
C VAL D 125 36.79 -37.50 -1.30
N VAL D 126 36.82 -36.20 -0.99
CA VAL D 126 37.58 -35.21 -1.74
C VAL D 126 38.89 -34.93 -1.01
N GLY D 127 40.00 -35.21 -1.67
CA GLY D 127 41.32 -34.96 -1.12
C GLY D 127 41.64 -33.47 -1.04
N LYS D 128 42.61 -33.15 -0.18
CA LYS D 128 43.13 -31.80 -0.01
C LYS D 128 43.94 -31.35 -1.23
N GLU D 129 44.65 -32.30 -1.84
CA GLU D 129 45.40 -32.10 -3.07
C GLU D 129 44.47 -31.81 -4.26
N GLN D 130 43.26 -32.39 -4.22
CA GLN D 130 42.21 -32.11 -5.21
C GLN D 130 41.71 -30.65 -5.06
N GLY D 131 41.37 -30.28 -3.83
CA GLY D 131 40.90 -28.94 -3.49
C GLY D 131 41.89 -27.81 -3.77
N GLN D 132 43.15 -28.03 -3.42
CA GLN D 132 44.21 -27.03 -3.62
C GLN D 132 44.59 -26.82 -5.10
N ASN D 133 44.49 -27.89 -5.90
CA ASN D 133 44.79 -27.84 -7.34
C ASN D 133 43.69 -27.11 -8.12
N LEU D 134 42.44 -27.38 -7.76
CA LEU D 134 41.27 -26.66 -8.28
C LEU D 134 41.38 -25.15 -8.04
N ALA D 135 41.95 -24.76 -6.90
CA ALA D 135 42.26 -23.36 -6.57
C ALA D 135 43.32 -22.76 -7.51
N ARG D 136 44.39 -23.51 -7.76
CA ARG D 136 45.43 -23.11 -8.72
C ARG D 136 44.83 -22.95 -10.13
N GLN D 137 43.99 -23.92 -10.52
CA GLN D 137 43.21 -23.87 -11.76
C GLN D 137 42.32 -22.62 -11.81
N TRP D 138 41.63 -22.34 -10.71
CA TRP D 138 40.75 -21.18 -10.62
C TRP D 138 41.53 -19.88 -10.42
N ASN D 139 42.40 -19.57 -11.39
CA ASN D 139 43.17 -18.32 -11.46
C ASN D 139 43.95 -18.06 -10.15
N ASN D 140 44.62 -19.12 -9.67
CA ASN D 140 45.32 -19.16 -8.37
C ASN D 140 44.47 -18.63 -7.20
N CYS D 141 43.38 -19.35 -6.93
CA CYS D 141 42.35 -18.97 -5.95
C CYS D 141 42.72 -19.27 -4.50
N ALA D 142 42.19 -18.45 -3.58
CA ALA D 142 42.30 -18.70 -2.14
C ALA D 142 41.54 -19.97 -1.74
N PHE D 143 42.19 -20.79 -0.93
CA PHE D 143 41.65 -22.08 -0.51
C PHE D 143 41.89 -22.33 0.97
N LEU D 144 40.88 -22.93 1.62
CA LEU D 144 40.98 -23.42 2.98
C LEU D 144 40.16 -24.68 3.07
N GLU D 145 40.38 -25.42 4.15
CA GLU D 145 39.42 -26.43 4.59
C GLU D 145 39.00 -26.05 5.99
N SER D 146 37.69 -26.07 6.23
CA SER D 146 37.13 -25.50 7.45
C SER D 146 36.15 -26.45 8.16
N SER D 147 36.01 -26.24 9.45
CA SER D 147 34.97 -26.91 10.19
C SER D 147 34.20 -25.92 11.00
N ALA D 148 32.90 -25.89 10.72
CA ALA D 148 31.93 -25.14 11.52
C ALA D 148 31.75 -25.73 12.91
N LYS D 149 31.83 -27.06 13.03
CA LYS D 149 31.82 -27.73 14.34
C LYS D 149 33.06 -27.39 15.20
N SER D 150 34.24 -27.42 14.58
CA SER D 150 35.50 -27.31 15.32
C SER D 150 36.08 -25.89 15.37
N LYS D 151 35.37 -24.92 14.79
CA LYS D 151 35.85 -23.53 14.62
C LYS D 151 37.14 -23.37 13.79
N ILE D 152 37.40 -24.33 12.90
CA ILE D 152 38.58 -24.27 12.02
C ILE D 152 38.29 -23.34 10.85
N ASN D 153 39.14 -22.32 10.69
CA ASN D 153 39.10 -21.35 9.56
C ASN D 153 37.80 -20.56 9.35
N VAL D 154 36.85 -20.68 10.27
CA VAL D 154 35.52 -20.09 10.15
C VAL D 154 35.61 -18.59 9.89
N ASN D 155 36.22 -17.86 10.82
CA ASN D 155 36.40 -16.41 10.72
C ASN D 155 37.42 -16.03 9.64
N GLU D 156 38.39 -16.90 9.42
CA GLU D 156 39.39 -16.76 8.36
C GLU D 156 38.78 -16.77 6.94
N ILE D 157 37.65 -17.45 6.75
CA ILE D 157 36.89 -17.42 5.49
C ILE D 157 36.42 -15.99 5.20
N PHE D 158 35.81 -15.38 6.22
CA PHE D 158 35.18 -14.09 6.07
C PHE D 158 36.17 -12.90 6.09
N TYR D 159 37.20 -12.99 6.94
CA TYR D 159 38.28 -11.98 6.96
C TYR D 159 39.02 -11.93 5.63
N ASP D 160 39.24 -13.10 5.01
CA ASP D 160 39.92 -13.21 3.71
C ASP D 160 39.17 -12.53 2.56
N LEU D 161 37.84 -12.66 2.55
CA LEU D 161 36.98 -12.01 1.56
C LEU D 161 37.05 -10.48 1.65
N VAL D 162 36.87 -9.95 2.86
CA VAL D 162 37.10 -8.53 3.17
C VAL D 162 38.48 -8.08 2.63
N ARG D 163 39.54 -8.78 3.05
CA ARG D 163 40.91 -8.49 2.60
C ARG D 163 41.05 -8.46 1.07
N GLN D 164 40.41 -9.41 0.39
CA GLN D 164 40.35 -9.47 -1.07
C GLN D 164 39.55 -8.33 -1.73
N ILE D 165 38.51 -7.85 -1.04
CA ILE D 165 37.64 -6.78 -1.55
C ILE D 165 38.32 -5.40 -1.47
N ASN D 166 39.27 -5.25 -0.54
CA ASN D 166 39.96 -3.99 -0.32
C ASN D 166 40.82 -3.53 -1.51
N ARG D 167 40.22 -2.66 -2.31
CA ARG D 167 40.78 -2.11 -3.56
C ARG D 167 40.26 -0.70 -3.84
C1 GOL E . -3.85 -2.56 2.67
O1 GOL E . -4.81 -1.49 2.75
C2 GOL E . -2.47 -2.06 2.99
O2 GOL E . -2.53 -1.38 4.24
C3 GOL E . -1.59 -3.28 3.10
O3 GOL E . -0.68 -3.17 4.20
MG MG F . -25.63 19.77 2.07
PG GNP G . -24.56 22.15 3.32
O1G GNP G . -23.92 22.57 4.74
O2G GNP G . -24.31 20.61 3.04
O3G GNP G . -23.94 22.92 2.22
N3B GNP G . -26.28 22.43 3.42
PB GNP G . -27.20 22.33 1.96
O1B GNP G . -26.87 23.47 1.10
O2B GNP G . -26.86 20.97 1.20
O3A GNP G . -28.77 22.35 2.32
PA GNP G . -29.59 21.00 2.66
O1A GNP G . -28.82 20.18 3.66
O2A GNP G . -30.02 20.36 1.36
O5' GNP G . -30.88 21.59 3.38
C5' GNP G . -30.84 22.28 4.64
C4' GNP G . -32.25 22.33 5.25
O4' GNP G . -33.10 23.05 4.37
C3' GNP G . -32.90 20.95 5.38
O3' GNP G . -33.73 20.92 6.54
C2' GNP G . -33.78 20.83 4.16
O2' GNP G . -34.85 19.92 4.38
C1' GNP G . -34.23 22.26 3.98
N9 GNP G . -34.61 22.56 2.58
C8 GNP G . -33.84 22.47 1.48
N7 GNP G . -34.54 22.84 0.38
C5 GNP G . -35.79 23.17 0.77
C6 GNP G . -37.03 23.65 0.13
O6 GNP G . -37.09 23.85 -1.10
N1 GNP G . -38.09 23.89 0.92
C2 GNP G . -38.07 23.71 2.27
N2 GNP G . -39.18 23.96 2.99
N3 GNP G . -36.96 23.28 2.92
C4 GNP G . -35.82 22.99 2.24
MG MG H . 21.16 -23.92 4.95
PG GNP I . 20.91 -25.88 2.50
O1G GNP I . 20.11 -24.80 3.38
O2G GNP I . 21.66 -25.20 1.42
O3G GNP I . 19.85 -26.92 1.88
N3B GNP I . 22.04 -26.74 3.53
PB GNP I . 23.50 -25.97 4.10
O1B GNP I . 23.14 -24.55 4.75
O2B GNP I . 24.44 -25.79 2.96
O3A GNP I . 24.17 -26.89 5.21
PA GNP I . 23.86 -26.81 6.78
O1A GNP I . 24.65 -25.66 7.37
O2A GNP I . 22.38 -26.90 7.07
O5' GNP I . 24.56 -28.19 7.21
C5' GNP I . 23.90 -29.44 7.02
C4' GNP I . 24.16 -30.34 8.23
O4' GNP I . 25.56 -30.63 8.29
C3' GNP I . 23.76 -29.72 9.56
O3' GNP I . 22.97 -30.65 10.31
C2' GNP I . 25.06 -29.43 10.29
O2' GNP I . 25.01 -29.73 11.68
C1' GNP I . 26.08 -30.31 9.58
N9 GNP I . 27.37 -29.58 9.43
C8 GNP I . 27.55 -28.37 8.88
N7 GNP I . 28.86 -28.00 8.92
C5 GNP I . 29.54 -29.00 9.49
C6 GNP I . 30.96 -29.27 9.83
O6 GNP I . 31.87 -28.44 9.57
N1 GNP I . 31.24 -30.44 10.42
C2 GNP I . 30.29 -31.37 10.70
N2 GNP I . 30.66 -32.52 11.31
N3 GNP I . 28.97 -31.19 10.42
C4 GNP I . 28.55 -30.04 9.82
#